data_8CJV
#
_entry.id   8CJV
#
_cell.length_a   129.731
_cell.length_b   129.731
_cell.length_c   120.193
_cell.angle_alpha   90.000
_cell.angle_beta   90.000
_cell.angle_gamma   90.000
#
_symmetry.space_group_name_H-M   'P 41 21 2'
#
loop_
_entity.id
_entity.type
_entity.pdbx_description
1 polymer 'Membrane cofactor protein'
2 non-polymer 2-acetamido-2-deoxy-beta-D-glucopyranose
#
_entity_poly.entity_id   1
_entity_poly.type   'polypeptide(L)'
_entity_poly.pdbx_seq_one_letter_code
;ETGCDDPPRFVSMKPQGTLKPSYSPGEQIVYECRLGFQPVTPGQVLALVCQDNNTWSSLQEGCKKRRCPTLADPTNGQVI
LVNGSTAFGSEVHYVCNNGYYLLGTNISYCEVSSGTGVNWSDNPPTCEKILCQPPPEIQNGKYTNNHKDVFEYNEVVTYS
CDPSNGPDEYSLVGESKLTCIGNGEWSSQPPQCKVVKCVYPAIEHGTIVSGFGPKYYYKATVVLKCNEGFNLYGNSVVVC
GENSTWEPELPKCIKGGTGGSGGSGLNDIFEAQKIEWHEGRTKHHHHHH
;
_entity_poly.pdbx_strand_id   A,B
#
loop_
_chem_comp.id
_chem_comp.type
_chem_comp.name
_chem_comp.formula
NAG D-saccharide, beta linking 2-acetamido-2-deoxy-beta-D-glucopyranose 'C8 H15 N O6'
#
# COMPACT_ATOMS: atom_id res chain seq x y z
N THR A 2 -12.84 3.84 49.56
CA THR A 2 -12.42 2.70 48.76
C THR A 2 -11.63 3.15 47.53
N GLY A 3 -11.87 4.41 47.12
CA GLY A 3 -11.22 5.07 45.99
C GLY A 3 -11.81 4.85 44.61
N CYS A 4 -11.06 5.36 43.62
CA CYS A 4 -11.44 5.32 42.20
C CYS A 4 -10.39 4.47 41.50
N ASP A 5 -10.75 3.23 41.17
CA ASP A 5 -9.77 2.32 40.58
C ASP A 5 -9.41 2.64 39.12
N ASP A 6 -10.40 2.91 38.26
CA ASP A 6 -10.11 3.06 36.81
C ASP A 6 -10.37 4.43 36.20
N PRO A 7 -9.38 4.97 35.48
CA PRO A 7 -9.45 6.31 34.85
C PRO A 7 -9.95 6.20 33.40
N PRO A 8 -10.77 7.15 32.93
CA PRO A 8 -11.21 7.13 31.52
C PRO A 8 -10.14 7.51 30.49
N ARG A 9 -10.04 6.73 29.40
CA ARG A 9 -9.10 7.06 28.30
C ARG A 9 -9.64 8.18 27.42
N PHE A 10 -8.75 9.08 27.01
CA PHE A 10 -9.12 10.28 26.27
C PHE A 10 -8.70 10.14 24.80
N VAL A 11 -9.31 10.99 23.96
CA VAL A 11 -8.95 11.07 22.53
C VAL A 11 -7.52 11.54 22.34
N SER A 12 -7.18 12.69 22.93
CA SER A 12 -5.94 13.41 22.66
C SER A 12 -4.93 13.34 23.80
N MET A 13 -5.30 12.77 24.94
CA MET A 13 -4.43 12.76 26.09
C MET A 13 -4.20 11.34 26.61
N LYS A 14 -3.11 11.18 27.36
CA LYS A 14 -2.73 10.00 28.11
C LYS A 14 -2.16 10.44 29.45
N PRO A 15 -2.20 9.57 30.46
CA PRO A 15 -1.55 9.91 31.73
C PRO A 15 -0.06 10.17 31.47
N GLN A 16 0.50 11.15 32.15
CA GLN A 16 1.89 11.50 31.89
C GLN A 16 2.83 10.36 32.28
N GLY A 17 2.64 9.83 33.48
CA GLY A 17 3.41 8.73 33.95
C GLY A 17 2.57 7.48 33.89
N THR A 18 2.95 6.49 34.68
CA THR A 18 2.27 5.21 34.74
C THR A 18 1.27 5.12 35.90
N LEU A 19 0.13 4.52 35.61
CA LEU A 19 -1.01 4.37 36.50
C LEU A 19 -0.85 3.20 37.47
N LYS A 20 -1.42 3.35 38.67
CA LYS A 20 -1.45 2.30 39.67
C LYS A 20 -2.84 1.66 39.71
N PRO A 21 -3.00 0.48 40.32
CA PRO A 21 -4.30 -0.23 40.23
C PRO A 21 -5.49 0.55 40.75
N SER A 22 -5.36 1.18 41.92
CA SER A 22 -6.45 1.90 42.53
C SER A 22 -5.89 3.21 43.04
N TYR A 23 -6.75 4.21 43.06
CA TYR A 23 -6.43 5.54 43.56
C TYR A 23 -7.39 5.87 44.68
N SER A 24 -6.89 6.63 45.62
CA SER A 24 -7.67 7.09 46.75
C SER A 24 -8.01 8.57 46.56
N PRO A 25 -9.08 9.07 47.19
CA PRO A 25 -9.49 10.47 47.01
C PRO A 25 -8.41 11.49 47.35
N GLY A 26 -8.33 12.54 46.52
CA GLY A 26 -7.32 13.57 46.63
C GLY A 26 -6.18 13.42 45.65
N GLU A 27 -5.82 12.19 45.28
CA GLU A 27 -4.78 11.93 44.29
C GLU A 27 -5.22 12.38 42.90
N GLN A 28 -4.22 12.72 42.06
CA GLN A 28 -4.49 13.20 40.71
C GLN A 28 -3.59 12.51 39.70
N ILE A 29 -4.16 12.26 38.54
CA ILE A 29 -3.45 11.78 37.36
C ILE A 29 -3.26 12.96 36.43
N VAL A 30 -1.99 13.25 36.10
CA VAL A 30 -1.65 14.29 35.13
C VAL A 30 -1.68 13.70 33.74
N TYR A 31 -2.22 14.45 32.79
CA TYR A 31 -2.32 14.04 31.39
C TYR A 31 -1.40 14.87 30.51
N GLU A 32 -1.10 14.36 29.34
CA GLU A 32 -0.22 15.08 28.42
C GLU A 32 -0.71 14.79 27.02
N CYS A 33 -0.35 15.68 26.09
CA CYS A 33 -0.79 15.43 24.73
C CYS A 33 -0.20 14.10 24.27
N ARG A 34 -0.99 13.37 23.50
CA ARG A 34 -0.44 12.22 22.83
C ARG A 34 0.54 12.66 21.76
N LEU A 35 1.30 11.68 21.30
CA LEU A 35 2.06 11.86 20.06
C LEU A 35 1.20 12.44 18.94
N GLY A 36 1.71 13.49 18.29
CA GLY A 36 0.99 13.99 17.15
C GLY A 36 -0.07 14.97 17.56
N PHE A 37 -0.12 15.30 18.82
CA PHE A 37 -1.00 16.34 19.25
C PHE A 37 -0.24 17.51 19.84
N GLN A 38 -1.01 18.56 20.05
CA GLN A 38 -0.46 19.75 20.62
C GLN A 38 -1.54 20.29 21.52
N PRO A 39 -1.17 21.04 22.54
CA PRO A 39 -2.17 21.58 23.45
C PRO A 39 -3.15 22.47 22.71
N VAL A 40 -4.42 22.31 23.08
CA VAL A 40 -5.49 23.17 22.59
C VAL A 40 -5.29 24.56 23.12
N THR A 41 -4.94 24.68 24.39
CA THR A 41 -4.62 25.96 25.00
C THR A 41 -3.31 25.67 25.69
N PRO A 42 -2.17 26.01 25.06
CA PRO A 42 -0.88 25.63 25.62
C PRO A 42 -0.73 26.13 27.03
N GLY A 43 -0.02 25.35 27.84
CA GLY A 43 0.13 25.67 29.22
C GLY A 43 -0.92 25.09 30.14
N GLN A 44 -2.19 25.05 29.67
CA GLN A 44 -3.32 24.63 30.50
C GLN A 44 -3.02 23.21 30.97
N VAL A 45 -2.97 23.05 32.28
CA VAL A 45 -2.61 21.76 32.87
C VAL A 45 -3.81 20.83 32.85
N LEU A 46 -3.58 19.63 32.37
CA LEU A 46 -4.62 18.63 32.18
C LEU A 46 -4.43 17.53 33.24
N ALA A 47 -5.47 17.29 34.05
CA ALA A 47 -5.41 16.29 35.09
C ALA A 47 -6.82 15.93 35.54
N LEU A 48 -6.98 14.66 35.89
CA LEU A 48 -8.11 14.12 36.62
C LEU A 48 -7.78 14.09 38.09
N VAL A 49 -8.80 14.24 38.90
CA VAL A 49 -8.65 14.17 40.34
C VAL A 49 -9.71 13.20 40.83
N CYS A 50 -9.26 12.14 41.54
CA CYS A 50 -10.16 11.26 42.27
C CYS A 50 -10.76 12.16 43.33
N GLN A 51 -12.04 12.44 43.18
CA GLN A 51 -12.69 13.38 44.07
C GLN A 51 -13.07 12.63 45.32
N ASP A 52 -13.72 13.32 46.24
CA ASP A 52 -14.08 12.68 47.49
C ASP A 52 -15.36 11.85 47.34
N ASN A 53 -16.04 11.91 46.19
CA ASN A 53 -17.27 11.14 45.92
C ASN A 53 -17.01 9.79 45.22
N ASN A 54 -15.74 9.37 45.06
CA ASN A 54 -15.24 8.14 44.42
C ASN A 54 -15.38 8.14 42.90
N THR A 55 -15.86 9.24 42.30
CA THR A 55 -15.94 9.46 40.86
C THR A 55 -14.68 10.20 40.39
N TRP A 56 -14.40 10.14 39.08
CA TRP A 56 -13.39 10.99 38.44
C TRP A 56 -13.96 12.36 38.11
N SER A 57 -13.14 13.41 38.29
CA SER A 57 -13.63 14.77 38.02
C SER A 57 -13.91 14.95 36.52
N SER A 58 -14.49 16.10 36.16
CA SER A 58 -14.84 16.35 34.76
C SER A 58 -13.69 17.12 34.10
N LEU A 59 -13.10 16.52 33.05
CA LEU A 59 -11.97 17.08 32.30
C LEU A 59 -12.29 17.17 30.80
N GLN A 60 -12.41 18.39 30.27
CA GLN A 60 -12.54 18.57 28.81
C GLN A 60 -11.32 18.07 28.06
N GLU A 61 -11.55 17.74 26.79
CA GLU A 61 -10.46 17.33 25.91
C GLU A 61 -9.47 18.46 25.65
N GLY A 62 -8.17 18.15 25.85
CA GLY A 62 -7.13 19.16 25.98
C GLY A 62 -6.10 19.41 24.87
N CYS A 63 -5.95 18.48 23.92
CA CYS A 63 -4.98 18.55 22.84
C CYS A 63 -5.72 18.44 21.50
N LYS A 64 -4.99 18.55 20.38
CA LYS A 64 -5.55 18.61 19.04
C LYS A 64 -4.54 18.10 18.01
N LYS A 65 -5.01 17.40 16.96
CA LYS A 65 -4.02 16.79 16.04
C LYS A 65 -3.14 17.82 15.41
N ARG A 66 -1.83 17.61 15.57
CA ARG A 66 -0.89 18.46 14.89
C ARG A 66 -1.06 18.29 13.39
N ARG A 67 -0.44 19.21 12.64
CA ARG A 67 -0.50 19.11 11.19
C ARG A 67 0.80 19.47 10.53
N CYS A 68 1.11 18.66 9.53
CA CYS A 68 2.30 18.81 8.78
C CYS A 68 2.05 20.02 7.91
N PRO A 69 3.11 20.67 7.43
CA PRO A 69 2.93 21.83 6.54
C PRO A 69 2.19 21.49 5.27
N THR A 70 1.46 22.47 4.74
CA THR A 70 0.76 22.23 3.49
C THR A 70 1.76 22.05 2.36
N LEU A 71 1.30 21.48 1.26
CA LEU A 71 2.26 21.06 0.25
C LEU A 71 1.79 21.64 -1.07
N ALA A 72 2.76 22.10 -1.82
CA ALA A 72 2.48 22.63 -3.14
C ALA A 72 2.67 21.53 -4.19
N ASP A 73 1.88 21.62 -5.27
CA ASP A 73 2.08 20.78 -6.44
C ASP A 73 3.48 20.99 -7.00
N PRO A 74 4.24 19.93 -7.22
CA PRO A 74 5.51 20.06 -7.94
C PRO A 74 5.27 20.58 -9.34
N THR A 75 6.26 21.27 -9.88
CA THR A 75 6.15 21.67 -11.27
C THR A 75 5.87 20.48 -12.17
N ASN A 76 4.88 20.65 -13.07
CA ASN A 76 4.46 19.64 -14.05
C ASN A 76 3.84 18.41 -13.39
N GLY A 77 3.26 18.61 -12.22
CA GLY A 77 2.58 17.54 -11.54
C GLY A 77 1.67 18.10 -10.50
N GLN A 78 1.38 17.25 -9.52
CA GLN A 78 0.32 17.60 -8.59
C GLN A 78 0.50 16.80 -7.33
N VAL A 79 0.12 17.36 -6.18
CA VAL A 79 0.06 16.66 -4.91
C VAL A 79 -1.39 16.43 -4.50
N ILE A 80 -1.69 15.23 -4.02
CA ILE A 80 -3.08 14.86 -3.74
C ILE A 80 -3.25 14.65 -2.26
N LEU A 81 -4.08 15.47 -1.63
CA LEU A 81 -4.38 15.21 -0.22
C LEU A 81 -5.46 14.14 -0.12
N VAL A 82 -5.04 12.88 -0.23
CA VAL A 82 -6.04 11.81 -0.30
C VAL A 82 -6.85 11.70 0.95
N ASN A 83 -6.35 12.24 2.04
CA ASN A 83 -7.12 12.17 3.28
C ASN A 83 -7.83 13.47 3.58
N GLY A 84 -7.73 14.44 2.70
CA GLY A 84 -8.46 15.66 2.90
C GLY A 84 -7.86 16.66 3.82
N SER A 85 -6.64 16.46 4.27
CA SER A 85 -5.98 17.40 5.16
C SER A 85 -4.54 16.97 5.26
N THR A 86 -3.73 17.77 5.95
CA THR A 86 -2.33 17.47 6.19
C THR A 86 -2.20 17.11 7.65
N ALA A 87 -3.20 16.43 8.11
CA ALA A 87 -3.19 16.14 9.49
C ALA A 87 -2.17 15.05 9.76
N PHE A 88 -1.82 14.96 11.02
CA PHE A 88 -0.91 13.93 11.47
C PHE A 88 -1.53 12.60 11.13
N GLY A 89 -0.70 11.67 10.65
CA GLY A 89 -1.31 10.40 10.29
C GLY A 89 -2.12 10.42 9.02
N SER A 90 -1.83 11.35 8.14
CA SER A 90 -2.50 11.43 6.87
C SER A 90 -1.41 11.36 5.81
N GLU A 91 -1.75 10.85 4.63
CA GLU A 91 -0.77 10.71 3.57
C GLU A 91 -1.17 11.53 2.37
N VAL A 92 -0.15 11.93 1.61
CA VAL A 92 -0.28 12.61 0.31
C VAL A 92 0.32 11.72 -0.77
N HIS A 93 -0.24 11.82 -1.97
CA HIS A 93 0.24 11.13 -3.16
C HIS A 93 0.81 12.10 -4.17
N TYR A 94 1.91 11.77 -4.79
CA TYR A 94 2.40 12.61 -5.86
C TYR A 94 2.21 11.95 -7.25
N VAL A 95 1.82 12.75 -8.24
CA VAL A 95 1.61 12.28 -9.61
C VAL A 95 2.13 13.29 -10.61
N CYS A 96 2.46 12.81 -11.80
CA CYS A 96 3.01 13.69 -12.82
C CYS A 96 2.12 13.74 -14.06
N ASN A 97 2.19 14.87 -14.77
CA ASN A 97 1.38 15.05 -15.98
C ASN A 97 1.93 14.24 -17.12
N ASN A 98 1.11 14.05 -18.16
CA ASN A 98 1.61 13.27 -19.29
C ASN A 98 2.81 13.94 -19.93
N GLY A 99 3.77 13.11 -20.34
CA GLY A 99 5.03 13.64 -20.77
C GLY A 99 6.04 13.75 -19.65
N TYR A 100 5.63 13.50 -18.42
CA TYR A 100 6.48 13.73 -17.27
C TYR A 100 6.51 12.46 -16.41
N TYR A 101 7.70 12.16 -15.83
CA TYR A 101 7.89 11.05 -14.89
C TYR A 101 8.31 11.60 -13.53
N LEU A 102 8.01 10.84 -12.47
CA LEU A 102 8.23 11.23 -11.08
C LEU A 102 9.63 10.86 -10.56
N LEU A 103 10.35 11.85 -10.09
CA LEU A 103 11.69 11.67 -9.52
C LEU A 103 11.61 11.89 -8.02
N GLY A 104 11.54 10.78 -7.27
CA GLY A 104 11.44 10.81 -5.84
C GLY A 104 10.45 9.80 -5.34
N THR A 105 9.93 10.06 -4.15
CA THR A 105 9.03 9.12 -3.50
C THR A 105 7.62 9.64 -3.73
N ASN A 106 6.76 8.82 -4.34
CA ASN A 106 5.41 9.29 -4.63
C ASN A 106 4.53 9.51 -3.43
N ILE A 107 4.65 8.72 -2.39
CA ILE A 107 3.74 8.86 -1.28
C ILE A 107 4.52 9.44 -0.12
N SER A 108 4.01 10.51 0.45
CA SER A 108 4.60 11.11 1.64
C SER A 108 3.66 11.06 2.84
N TYR A 109 4.24 10.86 4.02
CA TYR A 109 3.53 10.62 5.27
C TYR A 109 3.79 11.73 6.28
N CYS A 110 2.75 12.15 6.99
CA CYS A 110 2.87 13.14 8.09
C CYS A 110 3.19 12.38 9.36
N GLU A 111 4.40 12.56 9.85
CA GLU A 111 4.86 11.81 10.99
C GLU A 111 5.53 12.70 12.00
N VAL A 112 5.48 12.23 13.24
CA VAL A 112 6.16 12.88 14.34
C VAL A 112 7.57 12.31 14.35
N SER A 113 8.33 12.65 13.30
CA SER A 113 9.74 12.27 13.22
C SER A 113 10.52 12.98 14.33
N SER A 114 10.24 14.27 14.53
CA SER A 114 10.86 15.03 15.59
C SER A 114 10.31 14.52 16.93
N GLY A 115 11.10 14.61 17.99
CA GLY A 115 10.57 14.19 19.28
C GLY A 115 9.35 15.06 19.61
N THR A 116 9.46 16.35 19.29
CA THR A 116 8.40 17.34 19.39
C THR A 116 8.20 17.92 18.00
N GLY A 117 6.98 17.86 17.48
CA GLY A 117 6.66 18.44 16.19
C GLY A 117 6.42 17.37 15.13
N VAL A 118 5.92 17.82 13.99
CA VAL A 118 5.53 16.94 12.90
C VAL A 118 6.19 17.38 11.62
N ASN A 119 6.43 16.41 10.77
CA ASN A 119 7.07 16.64 9.49
C ASN A 119 6.80 15.53 8.54
N TRP A 120 6.74 15.92 7.30
CA TRP A 120 6.57 14.92 6.32
C TRP A 120 7.71 13.90 6.33
N SER A 121 7.36 12.67 6.04
CA SER A 121 8.35 11.64 6.09
C SER A 121 9.34 11.79 4.97
N ASP A 122 8.93 12.35 3.85
CA ASP A 122 9.80 12.44 2.71
C ASP A 122 9.64 13.78 2.07
N ASN A 123 10.71 14.28 1.50
CA ASN A 123 10.59 15.46 0.67
C ASN A 123 9.78 15.21 -0.60
N PRO A 124 9.26 16.28 -1.17
CA PRO A 124 8.49 16.18 -2.39
C PRO A 124 9.38 15.77 -3.54
N PRO A 125 8.80 14.96 -4.41
CA PRO A 125 9.45 14.60 -5.65
C PRO A 125 9.41 15.76 -6.62
N THR A 126 10.08 15.57 -7.75
CA THR A 126 9.92 16.43 -8.92
C THR A 126 9.23 15.66 -10.04
N CYS A 127 8.82 16.35 -11.09
CA CYS A 127 8.28 15.74 -12.31
C CYS A 127 9.22 16.16 -13.43
N GLU A 128 9.93 15.22 -14.04
CA GLU A 128 10.92 15.58 -15.05
C GLU A 128 10.40 15.22 -16.44
N LYS A 129 10.64 16.06 -17.43
CA LYS A 129 10.04 15.76 -18.73
C LYS A 129 10.70 14.50 -19.30
N ILE A 130 9.86 13.67 -19.90
CA ILE A 130 10.23 12.40 -20.52
C ILE A 130 10.84 12.68 -21.89
N LEU A 131 12.17 12.73 -21.94
CA LEU A 131 12.91 12.84 -23.19
C LEU A 131 13.79 11.61 -23.37
N CYS A 132 13.47 10.74 -24.32
CA CYS A 132 14.34 9.60 -24.60
C CYS A 132 15.23 9.87 -25.83
N GLN A 133 16.45 9.34 -25.78
CA GLN A 133 17.44 9.49 -26.83
C GLN A 133 17.08 8.82 -28.16
N PRO A 134 17.77 9.24 -29.23
CA PRO A 134 17.45 8.72 -30.57
C PRO A 134 17.64 7.22 -30.69
N PRO A 135 16.79 6.58 -31.50
CA PRO A 135 16.89 5.13 -31.69
C PRO A 135 18.07 4.74 -32.55
N PRO A 136 18.62 3.56 -32.34
CA PRO A 136 19.79 3.13 -33.12
C PRO A 136 19.45 2.82 -34.56
N GLU A 137 20.33 3.24 -35.47
CA GLU A 137 20.17 2.91 -36.87
C GLU A 137 20.57 1.45 -37.05
N ILE A 138 19.96 0.78 -38.02
CA ILE A 138 20.29 -0.63 -38.25
C ILE A 138 20.92 -0.78 -39.62
N GLN A 139 21.15 -2.02 -40.07
CA GLN A 139 21.68 -2.32 -41.41
C GLN A 139 20.77 -1.77 -42.49
N ASN A 140 21.22 -0.75 -43.24
CA ASN A 140 20.47 -0.25 -44.39
C ASN A 140 19.21 0.42 -43.91
N GLY A 141 19.21 0.78 -42.64
CA GLY A 141 18.06 1.30 -41.94
C GLY A 141 18.32 2.70 -41.47
N LYS A 142 17.65 3.68 -42.07
CA LYS A 142 17.74 5.05 -41.62
C LYS A 142 16.39 5.37 -40.97
N TYR A 143 16.42 5.79 -39.70
CA TYR A 143 15.24 6.26 -38.99
C TYR A 143 14.96 7.72 -39.32
N THR A 144 13.70 8.14 -39.10
CA THR A 144 13.38 9.53 -39.44
C THR A 144 13.99 10.43 -38.39
N ASN A 145 14.33 11.66 -38.79
CA ASN A 145 14.90 12.64 -37.87
C ASN A 145 16.24 12.14 -37.33
N ASN A 146 17.07 11.56 -38.20
CA ASN A 146 18.42 11.16 -37.76
C ASN A 146 19.20 12.43 -37.38
N HIS A 147 18.96 13.51 -38.14
CA HIS A 147 19.55 14.81 -37.90
C HIS A 147 19.17 15.34 -36.50
N LYS A 148 17.93 15.06 -36.03
CA LYS A 148 17.48 15.43 -34.67
C LYS A 148 18.20 14.68 -33.55
N ASP A 149 18.30 15.34 -32.38
CA ASP A 149 19.18 14.94 -31.28
C ASP A 149 18.48 14.33 -30.08
N VAL A 150 17.24 14.71 -29.79
CA VAL A 150 16.50 14.12 -28.67
C VAL A 150 15.00 14.29 -28.96
N PHE A 151 14.22 13.29 -28.56
CA PHE A 151 12.78 13.24 -28.81
C PHE A 151 12.01 13.32 -27.51
N GLU A 152 10.96 14.14 -27.50
CA GLU A 152 10.17 14.27 -26.28
C GLU A 152 9.18 13.10 -26.24
N TYR A 153 8.30 13.12 -25.26
CA TYR A 153 7.31 12.08 -25.13
C TYR A 153 6.48 11.94 -26.40
N ASN A 154 6.15 10.71 -26.74
CA ASN A 154 5.25 10.42 -27.84
C ASN A 154 5.79 10.86 -29.20
N GLU A 155 7.02 11.34 -29.27
CA GLU A 155 7.60 11.63 -30.58
C GLU A 155 7.79 10.25 -31.20
N VAL A 156 7.36 10.12 -32.46
CA VAL A 156 7.37 8.84 -33.14
C VAL A 156 8.39 8.84 -34.28
N VAL A 157 9.19 7.79 -34.37
CA VAL A 157 10.16 7.63 -35.44
C VAL A 157 9.68 6.50 -36.33
N THR A 158 9.92 6.65 -37.63
CA THR A 158 9.58 5.68 -38.66
C THR A 158 10.84 5.15 -39.32
N TYR A 159 10.94 3.85 -39.49
CA TYR A 159 12.17 3.27 -40.01
C TYR A 159 12.07 3.02 -41.51
N SER A 160 13.08 3.55 -42.23
CA SER A 160 13.17 3.53 -43.68
C SER A 160 14.16 2.47 -44.11
N CYS A 161 13.73 1.60 -45.00
CA CYS A 161 14.69 0.63 -45.52
C CYS A 161 15.41 1.26 -46.69
N ASP A 162 16.69 0.95 -46.80
CA ASP A 162 17.53 1.57 -47.79
C ASP A 162 17.15 1.05 -49.17
N PRO A 163 17.69 1.68 -50.22
CA PRO A 163 17.50 1.17 -51.59
C PRO A 163 18.27 -0.13 -51.80
N SER A 164 17.83 -0.89 -52.81
CA SER A 164 18.38 -2.22 -53.06
C SER A 164 19.89 -2.22 -53.32
N ASN A 165 20.59 -3.14 -52.65
CA ASN A 165 22.02 -3.33 -52.87
C ASN A 165 22.26 -3.83 -54.28
N GLY A 166 21.38 -4.71 -54.75
CA GLY A 166 21.50 -5.25 -56.07
C GLY A 166 20.12 -5.43 -56.67
N PRO A 167 19.78 -6.68 -57.06
CA PRO A 167 18.49 -6.91 -57.74
C PRO A 167 17.22 -6.97 -56.91
N ASP A 168 17.31 -7.65 -55.77
CA ASP A 168 16.19 -7.89 -54.87
C ASP A 168 16.19 -6.91 -53.71
N GLU A 169 15.04 -6.28 -53.46
CA GLU A 169 14.89 -5.28 -52.40
C GLU A 169 14.69 -5.94 -51.04
N TYR A 170 14.69 -5.10 -50.01
CA TYR A 170 14.58 -5.47 -48.60
C TYR A 170 13.13 -5.75 -48.24
N SER A 171 12.92 -6.21 -47.02
CA SER A 171 11.58 -6.36 -46.44
C SER A 171 11.74 -6.17 -44.93
N LEU A 172 11.25 -5.05 -44.43
CA LEU A 172 11.39 -4.61 -43.03
C LEU A 172 10.59 -5.49 -42.05
N VAL A 173 11.31 -6.41 -41.36
CA VAL A 173 10.75 -7.25 -40.30
C VAL A 173 10.54 -6.45 -39.02
N GLY A 174 9.53 -6.82 -38.23
CA GLY A 174 9.31 -6.03 -37.03
C GLY A 174 8.46 -4.83 -37.35
N GLU A 175 8.31 -3.92 -36.39
CA GLU A 175 7.41 -2.81 -36.61
C GLU A 175 8.15 -1.58 -37.09
N SER A 176 7.67 -0.99 -38.17
CA SER A 176 8.35 0.19 -38.69
C SER A 176 8.26 1.34 -37.72
N LYS A 177 7.10 1.53 -37.10
CA LYS A 177 6.91 2.71 -36.27
C LYS A 177 6.96 2.38 -34.80
N LEU A 178 7.88 3.04 -34.14
CA LEU A 178 8.12 3.01 -32.71
C LEU A 178 8.01 4.43 -32.14
N THR A 179 7.63 4.53 -30.88
CA THR A 179 7.39 5.84 -30.26
C THR A 179 8.09 5.90 -28.91
N CYS A 180 8.35 7.13 -28.44
CA CYS A 180 9.00 7.40 -27.15
C CYS A 180 7.93 7.39 -26.08
N ILE A 181 7.88 6.31 -25.32
CA ILE A 181 6.84 6.17 -24.30
C ILE A 181 7.36 6.27 -22.89
N GLY A 182 8.66 6.22 -22.67
CA GLY A 182 9.20 6.23 -21.33
C GLY A 182 10.38 7.16 -21.26
N ASN A 183 10.77 7.52 -20.04
CA ASN A 183 11.84 8.52 -19.94
C ASN A 183 13.08 8.04 -20.68
N GLY A 184 13.44 6.77 -20.53
CA GLY A 184 14.52 6.24 -21.34
C GLY A 184 14.03 5.16 -22.29
N GLU A 185 12.72 5.03 -22.45
CA GLU A 185 12.13 3.93 -23.20
C GLU A 185 11.46 4.27 -24.52
N TRP A 186 11.67 3.41 -25.49
CA TRP A 186 11.00 3.45 -26.77
C TRP A 186 9.96 2.35 -26.68
N SER A 187 9.10 2.26 -27.66
CA SER A 187 8.03 1.28 -27.48
C SER A 187 8.39 -0.07 -28.05
N SER A 188 9.16 -0.09 -29.11
CA SER A 188 9.50 -1.32 -29.78
C SER A 188 10.99 -1.30 -30.09
N GLN A 189 11.53 -2.46 -30.36
CA GLN A 189 12.93 -2.60 -30.69
C GLN A 189 13.15 -2.09 -32.13
N PRO A 190 14.32 -1.49 -32.45
CA PRO A 190 14.58 -1.08 -33.85
C PRO A 190 14.42 -2.28 -34.76
N PRO A 191 13.59 -2.16 -35.77
CA PRO A 191 13.25 -3.35 -36.55
C PRO A 191 14.32 -3.67 -37.57
N GLN A 192 14.58 -4.99 -37.72
CA GLN A 192 15.52 -5.47 -38.71
C GLN A 192 15.01 -5.21 -40.11
N CYS A 193 15.89 -4.74 -40.97
CA CYS A 193 15.56 -4.53 -42.37
C CYS A 193 16.53 -5.42 -43.14
N LYS A 194 15.99 -6.46 -43.79
CA LYS A 194 16.78 -7.46 -44.50
C LYS A 194 15.95 -7.96 -45.67
N VAL A 195 16.63 -8.39 -46.72
CA VAL A 195 15.96 -8.99 -47.87
C VAL A 195 15.33 -10.31 -47.44
N VAL A 196 13.99 -10.35 -47.35
CA VAL A 196 13.28 -11.59 -47.08
C VAL A 196 12.48 -11.94 -48.33
N LYS A 197 12.78 -13.12 -48.90
CA LYS A 197 12.09 -13.67 -50.06
C LYS A 197 11.80 -15.14 -49.81
N CYS A 198 10.60 -15.58 -50.19
CA CYS A 198 10.24 -16.97 -50.00
C CYS A 198 10.31 -17.70 -51.32
N VAL A 199 10.43 -19.02 -51.22
CA VAL A 199 10.57 -19.83 -52.41
C VAL A 199 9.20 -19.87 -53.10
N TYR A 200 9.19 -19.96 -54.42
CA TYR A 200 7.90 -20.02 -55.13
C TYR A 200 7.09 -21.20 -54.58
N PRO A 201 5.81 -21.01 -54.20
CA PRO A 201 5.02 -22.14 -53.70
C PRO A 201 4.47 -23.06 -54.79
N ALA A 202 4.84 -24.33 -54.75
CA ALA A 202 4.32 -25.30 -55.70
C ALA A 202 3.58 -26.43 -55.00
N ILE A 203 2.52 -26.93 -55.64
CA ILE A 203 1.69 -28.02 -55.13
C ILE A 203 1.31 -28.95 -56.28
N GLU A 204 1.83 -30.16 -56.25
CA GLU A 204 1.26 -31.22 -57.06
C GLU A 204 -0.26 -31.15 -56.98
N HIS A 205 -0.87 -31.19 -58.15
CA HIS A 205 -2.30 -31.38 -58.30
C HIS A 205 -3.04 -30.24 -57.62
N GLY A 206 -2.48 -29.05 -57.74
CA GLY A 206 -3.07 -27.93 -57.07
C GLY A 206 -2.51 -26.61 -57.55
N THR A 207 -3.45 -25.73 -57.84
CA THR A 207 -3.22 -24.42 -58.39
C THR A 207 -2.98 -23.40 -57.25
N ILE A 208 -2.28 -22.32 -57.58
CA ILE A 208 -2.09 -21.20 -56.64
C ILE A 208 -3.21 -20.17 -56.84
N VAL A 209 -4.20 -20.17 -55.94
CA VAL A 209 -5.36 -19.27 -56.06
C VAL A 209 -5.03 -17.77 -55.94
N SER A 210 -4.18 -17.37 -54.98
CA SER A 210 -3.89 -15.95 -54.73
C SER A 210 -2.37 -15.75 -54.67
N GLY A 211 -1.91 -14.50 -54.71
CA GLY A 211 -0.47 -14.33 -54.74
C GLY A 211 -0.03 -13.98 -56.13
N PHE A 212 0.81 -14.83 -56.75
CA PHE A 212 1.33 -14.63 -58.10
C PHE A 212 2.30 -13.49 -58.14
N GLY A 213 2.69 -12.98 -56.99
CA GLY A 213 3.60 -11.88 -56.91
C GLY A 213 4.83 -12.39 -57.59
N PRO A 214 5.55 -11.51 -58.28
CA PRO A 214 6.74 -11.98 -58.97
C PRO A 214 7.69 -12.62 -57.98
N LYS A 215 8.02 -11.88 -56.95
CA LYS A 215 8.83 -12.37 -55.87
C LYS A 215 7.94 -12.25 -54.64
N TYR A 216 7.86 -13.32 -53.87
CA TYR A 216 7.04 -13.32 -52.66
C TYR A 216 7.90 -12.86 -51.49
N TYR A 217 7.78 -11.57 -51.14
CA TYR A 217 8.62 -11.00 -50.09
C TYR A 217 7.98 -11.28 -48.73
N TYR A 218 8.54 -10.69 -47.66
CA TYR A 218 8.03 -11.04 -46.35
C TYR A 218 6.59 -10.56 -46.20
N LYS A 219 5.77 -11.40 -45.57
CA LYS A 219 4.35 -11.21 -45.30
C LYS A 219 3.51 -11.38 -46.55
N ALA A 220 4.07 -11.93 -47.62
CA ALA A 220 3.26 -12.17 -48.80
C ALA A 220 2.30 -13.30 -48.46
N THR A 221 1.14 -13.30 -49.10
CA THR A 221 0.15 -14.31 -48.75
C THR A 221 -0.49 -14.92 -49.98
N VAL A 222 -0.40 -16.25 -50.03
CA VAL A 222 -0.77 -17.08 -51.17
C VAL A 222 -1.79 -18.13 -50.71
N VAL A 223 -3.00 -18.07 -51.27
CA VAL A 223 -4.07 -19.04 -51.02
C VAL A 223 -3.91 -20.18 -52.02
N LEU A 224 -4.00 -21.44 -51.58
CA LEU A 224 -3.86 -22.56 -52.53
C LEU A 224 -4.96 -23.61 -52.42
N LYS A 225 -5.36 -24.17 -53.58
CA LYS A 225 -6.38 -25.23 -53.64
C LYS A 225 -6.02 -26.31 -54.67
N CYS A 226 -6.58 -27.49 -54.47
CA CYS A 226 -6.30 -28.66 -55.31
C CYS A 226 -7.05 -28.59 -56.63
N ASN A 227 -6.61 -29.46 -57.55
CA ASN A 227 -7.22 -29.68 -58.85
C ASN A 227 -8.44 -30.60 -58.72
N GLU A 228 -9.24 -30.64 -59.79
CA GLU A 228 -10.49 -31.40 -59.78
C GLU A 228 -10.26 -32.81 -59.21
N GLY A 229 -11.12 -33.19 -58.27
CA GLY A 229 -11.15 -34.48 -57.63
C GLY A 229 -10.38 -34.60 -56.31
N PHE A 230 -9.38 -33.76 -56.06
CA PHE A 230 -8.57 -33.94 -54.85
C PHE A 230 -9.14 -33.25 -53.61
N ASN A 231 -8.82 -33.84 -52.46
CA ASN A 231 -9.29 -33.39 -51.16
C ASN A 231 -8.08 -32.75 -50.48
N LEU A 232 -8.24 -31.50 -50.05
CA LEU A 232 -7.19 -30.79 -49.33
C LEU A 232 -6.89 -31.43 -47.98
N TYR A 233 -5.59 -31.56 -47.66
CA TYR A 233 -5.10 -32.13 -46.42
C TYR A 233 -4.34 -31.15 -45.56
N GLY A 234 -3.64 -30.19 -46.12
CA GLY A 234 -2.91 -29.32 -45.23
C GLY A 234 -3.81 -28.13 -44.95
N ASN A 235 -3.25 -26.93 -44.82
CA ASN A 235 -3.95 -25.68 -44.57
C ASN A 235 -4.00 -24.81 -45.83
N SER A 236 -5.19 -24.31 -46.16
CA SER A 236 -5.38 -23.58 -47.41
C SER A 236 -4.50 -22.33 -47.60
N VAL A 237 -4.25 -21.54 -46.54
CA VAL A 237 -3.50 -20.29 -46.71
C VAL A 237 -2.10 -20.32 -46.08
N VAL A 238 -1.05 -20.05 -46.87
CA VAL A 238 0.32 -19.91 -46.33
C VAL A 238 0.67 -18.43 -46.19
N VAL A 239 1.78 -18.14 -45.49
CA VAL A 239 2.30 -16.79 -45.36
C VAL A 239 3.81 -16.78 -45.52
N CYS A 240 4.34 -16.02 -46.47
CA CYS A 240 5.79 -15.94 -46.54
C CYS A 240 6.33 -15.53 -45.17
N GLY A 241 7.25 -16.34 -44.60
CA GLY A 241 7.75 -16.09 -43.25
C GLY A 241 8.92 -15.13 -43.05
N GLU A 242 9.21 -14.89 -41.76
CA GLU A 242 10.33 -14.03 -41.39
C GLU A 242 11.65 -14.60 -41.83
N ASN A 243 11.80 -15.91 -41.73
CA ASN A 243 13.02 -16.62 -42.07
C ASN A 243 13.02 -17.13 -43.52
N SER A 244 12.08 -16.65 -44.34
CA SER A 244 11.89 -17.02 -45.76
C SER A 244 11.26 -18.39 -45.95
N THR A 245 10.63 -18.90 -44.89
CA THR A 245 9.94 -20.18 -44.89
C THR A 245 8.43 -20.00 -44.90
N TRP A 246 7.76 -20.83 -45.66
CA TRP A 246 6.31 -20.76 -45.77
C TRP A 246 5.75 -21.16 -44.41
N GLU A 247 5.03 -20.24 -43.78
CA GLU A 247 4.50 -20.37 -42.42
C GLU A 247 2.98 -20.26 -42.51
N PRO A 248 2.25 -21.36 -42.33
CA PRO A 248 2.73 -22.70 -41.98
C PRO A 248 3.24 -23.61 -43.12
N GLU A 249 3.27 -24.94 -42.96
CA GLU A 249 3.87 -25.71 -44.06
C GLU A 249 2.93 -25.78 -45.24
N LEU A 250 3.51 -26.11 -46.39
CA LEU A 250 2.76 -26.18 -47.62
C LEU A 250 1.73 -27.31 -47.55
N PRO A 251 0.56 -27.12 -48.15
CA PRO A 251 -0.51 -28.12 -48.08
C PRO A 251 -0.25 -29.26 -49.03
N LYS A 252 -1.06 -30.29 -48.89
CA LYS A 252 -1.02 -31.42 -49.80
C LYS A 252 -2.38 -31.61 -50.43
N CYS A 253 -2.39 -32.34 -51.54
CA CYS A 253 -3.63 -32.51 -52.25
C CYS A 253 -3.70 -33.99 -52.62
N ILE A 254 -4.10 -34.73 -51.60
CA ILE A 254 -4.36 -36.17 -51.62
C ILE A 254 -5.70 -36.47 -52.30
N LYS A 255 -5.80 -37.61 -52.96
CA LYS A 255 -7.07 -38.00 -53.59
C LYS A 255 -8.25 -38.07 -52.59
N THR B 2 47.53 -6.75 3.73
CA THR B 2 46.77 -7.24 4.88
C THR B 2 45.27 -7.14 4.63
N GLY B 3 44.91 -6.22 3.73
CA GLY B 3 43.53 -6.00 3.40
C GLY B 3 42.90 -5.06 4.41
N CYS B 4 41.61 -4.82 4.23
CA CYS B 4 40.93 -3.89 5.11
C CYS B 4 40.46 -4.62 6.35
N ASP B 5 39.96 -3.84 7.29
CA ASP B 5 39.53 -4.44 8.53
C ASP B 5 38.09 -4.89 8.34
N ASP B 6 37.43 -5.13 9.44
CA ASP B 6 36.03 -5.46 9.37
C ASP B 6 35.18 -4.23 8.97
N PRO B 7 34.18 -4.45 8.11
CA PRO B 7 33.25 -3.38 7.59
C PRO B 7 32.27 -2.82 8.61
N PRO B 8 32.00 -1.50 8.52
CA PRO B 8 31.01 -0.83 9.41
C PRO B 8 29.56 -1.28 9.20
N ARG B 9 28.81 -1.44 10.30
CA ARG B 9 27.38 -1.77 10.16
C ARG B 9 26.57 -0.55 9.74
N PHE B 10 25.46 -0.81 9.08
CA PHE B 10 24.59 0.21 8.53
C PHE B 10 23.13 0.14 8.99
N VAL B 11 22.60 1.31 9.30
CA VAL B 11 21.23 1.40 9.77
C VAL B 11 20.21 0.81 8.79
N SER B 12 20.45 0.91 7.46
CA SER B 12 19.42 0.45 6.52
C SER B 12 19.88 -0.68 5.60
N MET B 13 21.16 -1.03 5.60
CA MET B 13 21.67 -2.03 4.69
C MET B 13 22.40 -3.15 5.42
N LYS B 14 22.53 -4.27 4.72
CA LYS B 14 23.32 -5.43 5.13
C LYS B 14 24.04 -5.95 3.90
N PRO B 15 25.15 -6.65 4.08
CA PRO B 15 25.84 -7.24 2.94
C PRO B 15 24.89 -8.17 2.22
N GLN B 16 24.95 -8.15 0.90
CA GLN B 16 24.03 -8.99 0.17
C GLN B 16 24.32 -10.44 0.46
N GLY B 17 25.58 -10.83 0.35
CA GLY B 17 25.98 -12.18 0.66
C GLY B 17 26.67 -12.22 2.02
N THR B 18 27.54 -13.21 2.21
CA THR B 18 28.33 -13.39 3.44
C THR B 18 29.72 -12.73 3.42
N LEU B 19 30.10 -12.17 4.58
CA LEU B 19 31.38 -11.49 4.84
C LEU B 19 32.57 -12.45 4.96
N LYS B 20 33.78 -11.90 4.79
CA LYS B 20 35.05 -12.62 4.95
C LYS B 20 35.89 -11.85 5.99
N PRO B 21 36.81 -12.54 6.73
CA PRO B 21 37.50 -11.87 7.84
C PRO B 21 38.13 -10.55 7.48
N SER B 22 39.13 -10.65 6.62
CA SER B 22 39.87 -9.50 6.14
C SER B 22 39.68 -9.50 4.64
N TYR B 23 39.25 -8.38 4.06
CA TYR B 23 39.10 -8.25 2.62
C TYR B 23 40.31 -7.56 2.05
N SER B 24 40.84 -8.08 0.97
CA SER B 24 41.96 -7.40 0.34
C SER B 24 41.50 -6.24 -0.58
N PRO B 25 42.39 -5.26 -0.80
CA PRO B 25 42.08 -4.07 -1.64
C PRO B 25 41.66 -4.32 -3.09
N GLY B 26 40.68 -3.55 -3.56
CA GLY B 26 40.13 -3.70 -4.90
C GLY B 26 38.81 -4.47 -4.99
N GLU B 27 38.60 -5.41 -4.07
CA GLU B 27 37.40 -6.23 -3.92
C GLU B 27 36.21 -5.37 -3.49
N GLN B 28 34.98 -5.86 -3.77
CA GLN B 28 33.78 -5.09 -3.42
C GLN B 28 32.75 -5.94 -2.67
N ILE B 29 32.12 -5.31 -1.68
CA ILE B 29 30.99 -5.83 -0.94
C ILE B 29 29.72 -5.16 -1.42
N VAL B 30 28.79 -5.94 -1.87
CA VAL B 30 27.48 -5.45 -2.27
C VAL B 30 26.54 -5.43 -1.06
N TYR B 31 25.73 -4.37 -0.94
CA TYR B 31 24.74 -4.21 0.14
C TYR B 31 23.31 -4.29 -0.40
N GLU B 32 22.36 -4.57 0.50
CA GLU B 32 20.96 -4.65 0.11
C GLU B 32 20.10 -4.11 1.24
N CYS B 33 18.87 -3.68 0.91
CA CYS B 33 18.01 -3.15 1.97
C CYS B 33 17.76 -4.25 2.99
N ARG B 34 17.69 -3.84 4.26
CA ARG B 34 17.25 -4.77 5.29
C ARG B 34 15.77 -5.10 5.08
N LEU B 35 15.29 -6.15 5.74
CA LEU B 35 13.86 -6.31 5.84
C LEU B 35 13.19 -5.05 6.27
N GLY B 36 12.16 -4.64 5.53
CA GLY B 36 11.38 -3.49 5.93
C GLY B 36 11.94 -2.17 5.46
N PHE B 37 12.99 -2.20 4.67
CA PHE B 37 13.46 -0.97 4.06
C PHE B 37 13.31 -1.11 2.56
N GLN B 38 13.49 0.01 1.91
CA GLN B 38 13.37 0.12 0.47
C GLN B 38 14.43 1.10 0.08
N PRO B 39 14.81 1.12 -1.17
CA PRO B 39 15.91 2.00 -1.50
C PRO B 39 15.42 3.44 -1.59
N VAL B 40 16.35 4.33 -1.19
CA VAL B 40 16.15 5.77 -1.27
C VAL B 40 15.98 6.14 -2.71
N THR B 41 16.81 5.53 -3.55
CA THR B 41 16.69 5.70 -4.97
C THR B 41 16.42 4.30 -5.46
N PRO B 42 15.27 4.00 -6.09
CA PRO B 42 15.06 2.61 -6.49
C PRO B 42 16.09 2.29 -7.56
N GLY B 43 16.68 1.10 -7.47
CA GLY B 43 17.63 0.77 -8.48
C GLY B 43 19.00 1.41 -8.30
N GLN B 44 19.26 2.10 -7.19
CA GLN B 44 20.57 2.73 -6.98
C GLN B 44 21.50 1.66 -6.43
N VAL B 45 22.62 1.41 -7.12
CA VAL B 45 23.57 0.43 -6.63
C VAL B 45 24.34 0.94 -5.42
N LEU B 46 24.48 0.08 -4.41
CA LEU B 46 25.16 0.46 -3.19
C LEU B 46 26.29 -0.50 -2.92
N ALA B 47 27.45 0.03 -2.53
CA ALA B 47 28.64 -0.81 -2.35
C ALA B 47 29.73 -0.04 -1.64
N LEU B 48 30.45 -0.78 -0.81
CA LEU B 48 31.73 -0.43 -0.22
C LEU B 48 32.83 -1.05 -1.07
N VAL B 49 33.95 -0.35 -1.14
CA VAL B 49 35.08 -0.89 -1.89
C VAL B 49 36.31 -0.74 -1.02
N CYS B 50 37.05 -1.85 -0.82
CA CYS B 50 38.29 -1.74 -0.08
C CYS B 50 39.16 -0.93 -1.04
N GLN B 51 39.65 0.18 -0.53
CA GLN B 51 40.34 1.14 -1.37
C GLN B 51 41.79 0.76 -1.56
N ASP B 52 42.47 1.51 -2.42
CA ASP B 52 43.88 1.25 -2.64
C ASP B 52 44.66 1.42 -1.34
N ASN B 53 44.27 2.39 -0.52
CA ASN B 53 44.93 2.67 0.75
C ASN B 53 44.47 1.77 1.92
N ASN B 54 43.61 0.77 1.68
CA ASN B 54 43.10 -0.20 2.66
C ASN B 54 42.08 0.39 3.64
N THR B 55 41.42 1.48 3.27
CA THR B 55 40.38 2.10 4.08
C THR B 55 39.05 1.81 3.41
N TRP B 56 38.09 1.34 4.20
CA TRP B 56 36.75 1.11 3.70
C TRP B 56 36.26 2.40 3.03
N SER B 57 35.69 2.28 1.82
CA SER B 57 35.29 3.51 1.11
C SER B 57 34.15 4.21 1.86
N SER B 58 33.78 5.39 1.37
CA SER B 58 32.73 6.17 2.00
C SER B 58 31.42 5.84 1.32
N LEU B 59 30.46 5.34 2.08
CA LEU B 59 29.16 4.97 1.54
C LEU B 59 27.98 5.65 2.26
N GLN B 60 27.27 6.55 1.59
CA GLN B 60 26.04 7.04 2.20
C GLN B 60 25.03 5.90 2.39
N GLU B 61 24.17 6.09 3.36
CA GLU B 61 23.07 5.17 3.65
C GLU B 61 22.06 5.12 2.52
N GLY B 62 21.71 3.89 2.09
CA GLY B 62 21.02 3.72 0.82
C GLY B 62 19.53 3.38 0.83
N CYS B 63 18.98 2.95 1.96
CA CYS B 63 17.59 2.53 2.08
C CYS B 63 16.91 3.35 3.15
N LYS B 64 15.62 3.13 3.31
CA LYS B 64 14.87 3.97 4.20
C LYS B 64 13.74 3.12 4.67
N LYS B 65 13.34 3.37 5.89
CA LYS B 65 12.35 2.51 6.51
C LYS B 65 11.06 2.61 5.69
N ARG B 66 10.56 1.47 5.21
CA ARG B 66 9.26 1.44 4.56
C ARG B 66 8.17 1.79 5.54
N ARG B 67 7.02 2.14 5.00
CA ARG B 67 5.85 2.49 5.80
C ARG B 67 4.56 1.93 5.28
N CYS B 68 3.85 1.38 6.23
CA CYS B 68 2.59 0.77 6.03
C CYS B 68 1.64 1.91 5.74
N PRO B 69 0.52 1.65 5.08
CA PRO B 69 -0.45 2.72 4.78
C PRO B 69 -1.06 3.45 5.98
N THR B 70 -1.40 4.72 5.77
CA THR B 70 -2.06 5.40 6.86
C THR B 70 -3.45 4.79 7.07
N LEU B 71 -4.04 5.03 8.25
CA LEU B 71 -5.26 4.36 8.69
C LEU B 71 -6.31 5.35 9.17
N ALA B 72 -7.55 5.05 8.83
CA ALA B 72 -8.64 5.89 9.26
C ALA B 72 -9.23 5.37 10.58
N ASP B 73 -9.73 6.33 11.39
CA ASP B 73 -10.52 6.05 12.57
C ASP B 73 -11.75 5.26 12.13
N PRO B 74 -12.05 4.15 12.76
CA PRO B 74 -13.33 3.47 12.53
C PRO B 74 -14.53 4.30 12.92
N THR B 75 -15.63 4.11 12.20
CA THR B 75 -16.82 4.87 12.56
C THR B 75 -17.11 4.54 14.01
N ASN B 76 -17.41 5.58 14.81
CA ASN B 76 -17.67 5.44 16.26
C ASN B 76 -16.42 4.91 16.99
N GLY B 77 -15.26 5.24 16.47
CA GLY B 77 -14.05 4.71 17.03
C GLY B 77 -12.88 5.60 16.69
N GLN B 78 -11.73 5.21 17.23
CA GLN B 78 -10.50 5.94 17.04
C GLN B 78 -9.34 4.96 16.76
N VAL B 79 -8.37 5.38 15.93
CA VAL B 79 -7.14 4.65 15.67
C VAL B 79 -6.02 5.47 16.29
N ILE B 80 -5.11 4.82 17.00
CA ILE B 80 -4.04 5.50 17.71
C ILE B 80 -2.67 5.09 17.17
N LEU B 81 -1.93 6.02 16.58
CA LEU B 81 -0.55 5.68 16.20
C LEU B 81 0.35 5.79 17.44
N VAL B 82 0.37 4.77 18.28
CA VAL B 82 1.08 4.98 19.52
C VAL B 82 2.55 5.25 19.31
N ASN B 83 3.10 4.91 18.18
CA ASN B 83 4.50 5.21 18.01
C ASN B 83 4.69 6.47 17.17
N GLY B 84 3.62 7.15 16.81
CA GLY B 84 3.75 8.40 16.10
C GLY B 84 3.94 8.37 14.61
N SER B 85 3.79 7.23 14.00
CA SER B 85 3.94 7.07 12.57
C SER B 85 3.43 5.68 12.24
N THR B 86 3.47 5.37 10.95
CA THR B 86 3.21 4.04 10.40
C THR B 86 4.48 3.40 9.90
N ALA B 87 5.61 3.78 10.46
CA ALA B 87 6.83 3.18 9.97
C ALA B 87 6.83 1.69 10.26
N PHE B 88 7.75 1.02 9.59
CA PHE B 88 7.90 -0.40 9.78
C PHE B 88 8.28 -0.69 11.21
N GLY B 89 7.58 -1.65 11.82
CA GLY B 89 7.94 -1.98 13.19
C GLY B 89 7.21 -1.19 14.22
N SER B 90 6.11 -0.61 13.83
CA SER B 90 5.33 0.28 14.65
C SER B 90 3.94 -0.33 14.76
N GLU B 91 3.28 -0.08 15.88
CA GLU B 91 1.98 -0.69 16.13
C GLU B 91 0.95 0.40 16.29
N VAL B 92 -0.31 0.04 16.04
CA VAL B 92 -1.40 0.97 16.25
C VAL B 92 -2.40 0.33 17.19
N HIS B 93 -3.06 1.14 17.98
CA HIS B 93 -4.08 0.66 18.87
C HIS B 93 -5.44 1.15 18.38
N TYR B 94 -6.43 0.28 18.39
CA TYR B 94 -7.80 0.67 18.05
C TYR B 94 -8.67 0.72 19.32
N VAL B 95 -9.53 1.76 19.43
CA VAL B 95 -10.42 1.93 20.58
C VAL B 95 -11.80 2.41 20.14
N CYS B 96 -12.83 2.14 20.98
CA CYS B 96 -14.20 2.49 20.65
C CYS B 96 -14.79 3.48 21.67
N ASN B 97 -15.75 4.27 21.22
CA ASN B 97 -16.40 5.26 22.05
C ASN B 97 -17.36 4.59 23.03
N ASN B 98 -17.80 5.35 24.04
CA ASN B 98 -18.70 4.76 25.04
C ASN B 98 -19.96 4.27 24.39
N GLY B 99 -20.46 3.14 24.85
CA GLY B 99 -21.56 2.51 24.16
C GLY B 99 -21.15 1.52 23.11
N TYR B 100 -19.87 1.37 22.82
CA TYR B 100 -19.43 0.56 21.71
C TYR B 100 -18.38 -0.43 22.18
N TYR B 101 -18.43 -1.63 21.60
CA TYR B 101 -17.45 -2.67 21.85
C TYR B 101 -16.70 -2.91 20.56
N LEU B 102 -15.47 -3.36 20.70
CA LEU B 102 -14.57 -3.56 19.59
C LEU B 102 -14.79 -4.90 18.91
N LEU B 103 -15.22 -4.88 17.68
CA LEU B 103 -15.32 -6.14 16.97
C LEU B 103 -14.09 -6.33 16.10
N GLY B 104 -13.14 -7.12 16.56
CA GLY B 104 -11.90 -7.40 15.86
C GLY B 104 -10.70 -7.35 16.76
N THR B 105 -9.53 -7.27 16.14
CA THR B 105 -8.28 -7.28 16.87
C THR B 105 -7.91 -5.84 17.19
N ASN B 106 -7.74 -5.56 18.48
CA ASN B 106 -7.40 -4.20 18.90
C ASN B 106 -6.05 -3.74 18.44
N ILE B 107 -5.04 -4.58 18.38
CA ILE B 107 -3.74 -4.02 18.04
C ILE B 107 -3.34 -4.51 16.66
N SER B 108 -2.91 -3.58 15.80
CA SER B 108 -2.38 -3.98 14.51
C SER B 108 -0.96 -3.45 14.31
N TYR B 109 -0.13 -4.30 13.64
CA TYR B 109 1.33 -4.22 13.46
C TYR B 109 1.73 -4.05 11.97
N CYS B 110 2.72 -3.22 11.71
CA CYS B 110 3.28 -3.05 10.36
C CYS B 110 4.35 -4.10 10.14
N GLU B 111 4.07 -5.12 9.34
CA GLU B 111 5.07 -6.17 9.22
C GLU B 111 5.43 -6.45 7.77
N VAL B 112 6.30 -7.44 7.56
CA VAL B 112 6.71 -7.82 6.22
C VAL B 112 6.54 -9.32 6.02
N SER B 113 5.29 -9.80 5.99
CA SER B 113 5.03 -11.22 5.73
C SER B 113 5.48 -11.59 4.33
N SER B 114 5.19 -10.70 3.38
CA SER B 114 5.60 -10.85 2.00
C SER B 114 7.10 -10.66 1.98
N GLY B 115 7.77 -11.26 0.99
CA GLY B 115 9.22 -11.17 1.00
C GLY B 115 9.69 -9.73 0.96
N THR B 116 9.03 -8.90 0.14
CA THR B 116 9.29 -7.47 0.07
C THR B 116 8.00 -6.70 0.28
N GLY B 117 8.07 -5.67 1.06
CA GLY B 117 6.85 -4.92 1.15
C GLY B 117 6.22 -5.10 2.50
N VAL B 118 5.38 -4.14 2.81
CA VAL B 118 4.75 -4.05 4.11
C VAL B 118 3.27 -3.94 3.95
N ASN B 119 2.59 -4.45 4.94
CA ASN B 119 1.16 -4.41 5.08
C ASN B 119 0.90 -4.58 6.55
N TRP B 120 -0.30 -4.27 6.91
CA TRP B 120 -0.60 -4.34 8.30
C TRP B 120 -0.90 -5.78 8.67
N SER B 121 -0.56 -6.17 9.88
CA SER B 121 -0.75 -7.56 10.18
C SER B 121 -2.23 -7.97 10.23
N ASP B 122 -3.13 -7.06 10.56
CA ASP B 122 -4.55 -7.38 10.72
C ASP B 122 -5.41 -6.29 10.12
N ASN B 123 -6.57 -6.66 9.61
CA ASN B 123 -7.55 -5.65 9.20
C ASN B 123 -8.09 -4.81 10.37
N PRO B 124 -8.63 -3.64 10.06
CA PRO B 124 -9.18 -2.75 11.08
C PRO B 124 -10.39 -3.39 11.69
N PRO B 125 -10.57 -3.23 12.97
CA PRO B 125 -11.82 -3.66 13.62
C PRO B 125 -12.97 -2.72 13.30
N THR B 126 -14.17 -3.12 13.72
CA THR B 126 -15.30 -2.17 13.73
C THR B 126 -15.70 -1.88 15.17
N CYS B 127 -16.57 -0.90 15.34
CA CYS B 127 -17.15 -0.55 16.64
C CYS B 127 -18.65 -0.75 16.54
N GLU B 128 -19.19 -1.68 17.30
CA GLU B 128 -20.60 -2.00 17.16
C GLU B 128 -21.35 -1.56 18.42
N LYS B 129 -22.60 -1.12 18.27
CA LYS B 129 -23.31 -0.56 19.42
C LYS B 129 -23.64 -1.67 20.42
N ILE B 130 -23.56 -1.33 21.72
CA ILE B 130 -23.86 -2.28 22.80
C ILE B 130 -25.37 -2.38 23.00
N LEU B 131 -25.99 -3.37 22.38
CA LEU B 131 -27.41 -3.65 22.62
C LEU B 131 -27.52 -5.03 23.25
N CYS B 132 -27.87 -5.07 24.53
CA CYS B 132 -28.10 -6.32 25.22
C CYS B 132 -29.61 -6.61 25.25
N GLN B 133 -29.95 -7.89 25.12
CA GLN B 133 -31.33 -8.36 25.14
C GLN B 133 -31.99 -8.22 26.52
N PRO B 134 -33.33 -8.24 26.57
CA PRO B 134 -34.02 -8.08 27.83
C PRO B 134 -33.68 -9.21 28.77
N PRO B 135 -33.59 -8.93 30.08
CA PRO B 135 -33.28 -9.99 31.03
C PRO B 135 -34.47 -10.90 31.22
N PRO B 136 -34.23 -12.18 31.52
CA PRO B 136 -35.36 -13.11 31.64
C PRO B 136 -36.19 -12.80 32.87
N GLU B 137 -37.50 -12.91 32.71
CA GLU B 137 -38.40 -12.73 33.83
C GLU B 137 -38.34 -13.97 34.71
N ILE B 138 -38.58 -13.78 36.01
CA ILE B 138 -38.52 -14.86 36.98
C ILE B 138 -39.90 -15.14 37.56
N GLN B 139 -39.96 -15.99 38.59
CA GLN B 139 -41.22 -16.26 39.26
C GLN B 139 -41.79 -14.96 39.83
N ASN B 140 -42.92 -14.52 39.26
CA ASN B 140 -43.72 -13.37 39.73
C ASN B 140 -42.99 -12.05 39.49
N GLY B 141 -42.00 -12.04 38.61
CA GLY B 141 -41.14 -10.90 38.38
C GLY B 141 -41.28 -10.38 36.97
N LYS B 142 -41.87 -9.20 36.80
CA LYS B 142 -41.97 -8.55 35.50
C LYS B 142 -41.03 -7.34 35.56
N TYR B 143 -40.07 -7.29 34.64
CA TYR B 143 -39.16 -6.16 34.46
C TYR B 143 -39.80 -5.01 33.68
N THR B 144 -39.22 -3.81 33.85
CA THR B 144 -39.78 -2.63 33.18
C THR B 144 -39.44 -2.69 31.71
N ASN B 145 -40.28 -2.06 30.89
CA ASN B 145 -40.06 -1.99 29.45
C ASN B 145 -40.06 -3.39 28.84
N ASN B 146 -41.01 -4.22 29.27
CA ASN B 146 -41.16 -5.53 28.64
C ASN B 146 -41.54 -5.33 27.18
N HIS B 147 -42.34 -4.29 26.93
CA HIS B 147 -42.75 -3.91 25.60
C HIS B 147 -41.52 -3.60 24.73
N LYS B 148 -40.50 -2.97 25.34
CA LYS B 148 -39.25 -2.68 24.66
C LYS B 148 -38.53 -3.98 24.39
N ASP B 149 -37.74 -3.99 23.33
CA ASP B 149 -37.22 -5.22 22.78
C ASP B 149 -35.75 -5.43 23.07
N VAL B 150 -34.99 -4.33 23.20
CA VAL B 150 -33.56 -4.37 23.49
C VAL B 150 -33.19 -3.04 24.12
N PHE B 151 -32.24 -3.05 25.03
CA PHE B 151 -31.80 -1.87 25.76
C PHE B 151 -30.39 -1.53 25.31
N GLU B 152 -30.13 -0.24 25.17
CA GLU B 152 -28.82 0.20 24.72
C GLU B 152 -27.87 0.29 25.91
N TYR B 153 -26.75 0.98 25.72
CA TYR B 153 -25.80 1.08 26.81
C TYR B 153 -26.35 1.82 28.00
N ASN B 154 -25.98 1.34 29.18
CA ASN B 154 -26.34 1.97 30.42
C ASN B 154 -27.85 2.18 30.50
N GLU B 155 -28.60 1.18 30.08
CA GLU B 155 -30.06 1.22 30.17
C GLU B 155 -30.38 0.31 31.33
N VAL B 156 -31.15 0.84 32.27
CA VAL B 156 -31.42 0.16 33.53
C VAL B 156 -32.85 -0.35 33.50
N VAL B 157 -33.01 -1.62 33.87
CA VAL B 157 -34.32 -2.22 33.97
C VAL B 157 -34.60 -2.44 35.45
N THR B 158 -35.80 -2.09 35.86
CA THR B 158 -36.27 -2.27 37.22
C THR B 158 -37.18 -3.49 37.32
N TYR B 159 -36.96 -4.36 38.32
CA TYR B 159 -37.77 -5.56 38.46
C TYR B 159 -38.90 -5.36 39.47
N SER B 160 -40.11 -5.65 39.03
CA SER B 160 -41.35 -5.46 39.78
C SER B 160 -41.87 -6.79 40.32
N CYS B 161 -42.14 -6.85 41.64
CA CYS B 161 -42.76 -8.05 42.18
C CYS B 161 -44.28 -7.92 42.03
N ASP B 162 -44.94 -9.05 41.77
CA ASP B 162 -46.37 -9.12 41.48
C ASP B 162 -47.23 -8.87 42.74
N PRO B 163 -48.55 -8.69 42.58
CA PRO B 163 -49.43 -8.57 43.76
C PRO B 163 -49.58 -9.87 44.55
N SER B 164 -49.93 -9.70 45.83
CA SER B 164 -50.01 -10.82 46.77
C SER B 164 -51.03 -11.88 46.38
N ASN B 165 -50.62 -13.16 46.43
CA ASN B 165 -51.57 -14.25 46.20
C ASN B 165 -52.62 -14.33 47.31
N GLY B 166 -52.19 -14.15 48.58
CA GLY B 166 -53.09 -14.21 49.72
C GLY B 166 -52.74 -13.25 50.86
N PRO B 167 -52.48 -13.79 52.10
CA PRO B 167 -52.20 -12.92 53.26
C PRO B 167 -50.78 -12.36 53.33
N ASP B 168 -49.78 -13.17 52.99
CA ASP B 168 -48.38 -12.75 53.11
C ASP B 168 -47.83 -12.27 51.76
N GLU B 169 -47.23 -11.08 51.77
CA GLU B 169 -46.64 -10.45 50.59
C GLU B 169 -45.23 -11.01 50.34
N TYR B 170 -44.65 -10.62 49.21
CA TYR B 170 -43.34 -11.07 48.75
C TYR B 170 -42.20 -10.29 49.45
N SER B 171 -40.96 -10.72 49.18
CA SER B 171 -39.76 -9.99 49.58
C SER B 171 -38.71 -10.35 48.52
N LEU B 172 -38.42 -9.38 47.64
CA LEU B 172 -37.51 -9.57 46.51
C LEU B 172 -36.06 -9.75 46.99
N VAL B 173 -35.59 -11.00 47.03
CA VAL B 173 -34.18 -11.25 47.34
C VAL B 173 -33.35 -10.88 46.11
N GLY B 174 -32.13 -10.41 46.34
CA GLY B 174 -31.25 -9.97 45.26
C GLY B 174 -31.52 -8.53 44.87
N GLU B 175 -30.97 -8.10 43.73
CA GLU B 175 -31.09 -6.72 43.30
C GLU B 175 -32.07 -6.54 42.15
N SER B 176 -33.06 -5.66 42.36
CA SER B 176 -34.07 -5.37 41.33
C SER B 176 -33.45 -4.60 40.18
N LYS B 177 -32.50 -3.71 40.47
CA LYS B 177 -31.91 -2.89 39.42
C LYS B 177 -30.68 -3.59 38.89
N LEU B 178 -30.60 -3.57 37.57
CA LEU B 178 -29.47 -4.06 36.83
C LEU B 178 -29.45 -3.27 35.54
N THR B 179 -28.29 -3.26 34.90
CA THR B 179 -28.01 -2.26 33.87
C THR B 179 -27.26 -2.98 32.78
N CYS B 180 -27.33 -2.42 31.57
CA CYS B 180 -26.65 -3.01 30.43
C CYS B 180 -25.23 -2.45 30.41
N ILE B 181 -24.28 -3.26 30.88
CA ILE B 181 -22.88 -2.86 30.96
C ILE B 181 -22.01 -3.58 29.97
N GLY B 182 -22.52 -4.61 29.32
CA GLY B 182 -21.75 -5.38 28.39
C GLY B 182 -22.66 -5.59 27.22
N ASN B 183 -22.09 -5.95 26.08
CA ASN B 183 -22.92 -6.04 24.89
C ASN B 183 -24.07 -7.02 25.11
N GLY B 184 -23.77 -8.17 25.70
CA GLY B 184 -24.80 -9.10 26.08
C GLY B 184 -24.85 -9.26 27.58
N GLU B 185 -24.19 -8.36 28.31
CA GLU B 185 -24.03 -8.50 29.74
C GLU B 185 -24.82 -7.46 30.50
N TRP B 186 -25.42 -7.93 31.58
CA TRP B 186 -26.14 -7.11 32.54
C TRP B 186 -25.24 -7.01 33.77
N SER B 187 -25.63 -6.19 34.74
CA SER B 187 -24.74 -6.01 35.87
C SER B 187 -25.06 -6.95 37.00
N SER B 188 -26.33 -7.30 37.17
CA SER B 188 -26.76 -8.13 38.27
C SER B 188 -27.72 -9.18 37.74
N GLN B 189 -27.92 -10.23 38.54
CA GLN B 189 -28.81 -11.32 38.18
C GLN B 189 -30.28 -10.91 38.29
N PRO B 190 -31.15 -11.39 37.40
CA PRO B 190 -32.58 -11.15 37.58
C PRO B 190 -32.97 -11.69 38.94
N PRO B 191 -33.56 -10.89 39.80
CA PRO B 191 -33.74 -11.33 41.19
C PRO B 191 -34.73 -12.47 41.34
N GLN B 192 -34.65 -13.11 42.50
CA GLN B 192 -35.57 -14.17 42.91
C GLN B 192 -36.65 -13.45 43.69
N CYS B 193 -37.78 -13.21 43.06
CA CYS B 193 -38.85 -12.51 43.75
C CYS B 193 -39.70 -13.65 44.31
N LYS B 194 -39.57 -13.88 45.62
CA LYS B 194 -40.21 -15.00 46.34
C LYS B 194 -40.48 -14.51 47.76
N VAL B 195 -41.47 -15.12 48.43
CA VAL B 195 -41.85 -14.66 49.79
C VAL B 195 -40.80 -14.90 50.88
C1 NAG C . -5.88 8.21 3.34
C2 NAG C . -6.35 7.08 4.24
C3 NAG C . -5.59 5.81 3.93
C4 NAG C . -5.67 5.48 2.46
C5 NAG C . -5.22 6.65 1.63
C6 NAG C . -5.43 6.39 0.17
C7 NAG C . -7.13 8.10 6.31
C8 NAG C . -6.78 8.49 7.70
N2 NAG C . -6.17 7.47 5.62
O3 NAG C . -6.14 4.75 4.70
O4 NAG C . -4.74 4.49 2.09
O5 NAG C . -5.96 7.83 1.97
O6 NAG C . -6.80 6.17 -0.05
O7 NAG C . -8.23 8.33 5.81
C1 NAG D . 4.82 4.91 -5.96
C2 NAG D . 3.79 3.94 -6.51
C3 NAG D . 4.21 2.52 -6.18
C4 NAG D . 5.62 2.27 -6.74
C5 NAG D . 6.58 3.32 -6.16
C6 NAG D . 8.02 3.23 -6.65
C7 NAG D . 1.67 5.20 -6.41
C8 NAG D . 0.37 5.38 -5.68
N2 NAG D . 2.47 4.22 -5.95
O3 NAG D . 3.28 1.60 -6.74
O4 NAG D . 6.08 0.98 -6.38
O5 NAG D . 6.11 4.63 -6.50
O6 NAG D . 8.79 4.38 -6.30
O7 NAG D . 1.97 5.89 -7.38
C1 NAG E . 4.99 1.95 20.68
C2 NAG E . 6.29 1.20 20.94
C3 NAG E . 6.03 -0.05 21.76
C4 NAG E . 5.30 0.30 23.05
C5 NAG E . 4.03 1.06 22.74
C6 NAG E . 3.33 1.52 23.98
C7 NAG E . 7.76 1.66 19.05
C8 NAG E . 8.30 1.15 17.76
N2 NAG E . 6.92 0.85 19.69
O3 NAG E . 7.27 -0.67 22.01
O4 NAG E . 4.98 -0.87 23.79
O5 NAG E . 4.33 2.22 21.94
O6 NAG E . 2.63 2.72 23.69
O7 NAG E . 8.05 2.77 19.48
C1 NAG F . 41.95 6.73 0.78
C2 NAG F . 42.01 7.92 1.75
C3 NAG F . 40.74 8.78 1.65
C4 NAG F . 40.41 9.11 0.20
C5 NAG F . 40.40 7.82 -0.63
C6 NAG F . 40.12 8.05 -2.10
C7 NAG F . 43.38 7.48 3.72
C8 NAG F . 43.41 6.96 5.13
N2 NAG F . 42.19 7.45 3.11
O3 NAG F . 40.91 9.98 2.40
O4 NAG F . 39.15 9.77 0.10
O5 NAG F . 41.69 7.19 -0.54
O6 NAG F . 39.55 9.33 -2.34
O7 NAG F . 44.37 7.92 3.16
C1 NAG G . -6.76 -6.28 23.16
C2 NAG G . -6.58 -5.90 24.64
C3 NAG G . -6.05 -7.10 25.41
C4 NAG G . -6.98 -8.29 25.23
C5 NAG G . -7.14 -8.58 23.72
C6 NAG G . -8.06 -9.73 23.38
C7 NAG G . -5.78 -3.59 24.20
C8 NAG G . -4.67 -2.61 24.45
N2 NAG G . -5.63 -4.79 24.76
O3 NAG G . -5.93 -6.74 26.79
O4 NAG G . -6.45 -9.43 25.89
O5 NAG G . -7.63 -7.41 23.05
O6 NAG G . -8.25 -9.84 21.97
O7 NAG G . -6.77 -3.28 23.54
#